data_8E4H
#
_entry.id   8E4H
#
_cell.length_a   42.989
_cell.length_b   60.608
_cell.length_c   44.754
_cell.angle_alpha   90.000
_cell.angle_beta   116.915
_cell.angle_gamma   90.000
#
_symmetry.space_group_name_H-M   'P 1 21 1'
#
loop_
_entity.id
_entity.type
_entity.pdbx_description
1 polymer "DNA (5'-D(*AP*AP*TP*AP*AP*GP*AP*GP*GP*AP*AP*GP*TP*GP*GP*G)-3')"
2 polymer "DNA (5'-D(*TP*CP*CP*CP*AP*CP*TP*TP*CP*CP*TP*CP*TP*TP*AP*T)-3')"
3 polymer 'Transcription factor PU.1'
4 water water
#
loop_
_entity_poly.entity_id
_entity_poly.type
_entity_poly.pdbx_seq_one_letter_code
_entity_poly.pdbx_strand_id
1 'polydeoxyribonucleotide' (DA)(DA)(DT)(DA)(DA)(DG)(DA)(DG)(DG)(DA)(DA)(DG)(DT)(DG)(DG)(DG) C
2 'polydeoxyribonucleotide' (DT)(DC)(DC)(DC)(DA)(DC)(DT)(DT)(DC)(DC)(DT)(DC)(DT)(DT)(DA)(DT) D
3 'polypeptide(L)'
;GSKKKIRLYQFLLDLLRSGDMKDSIWWVDKDKGTFQFSSKHKEALAHRWGIQKGNRKKMTYQKMARALRNYGKTGEVKKV
KKKLTYQFSGEVLGRGGLAERRHPPH
;
F
#
# COMPACT_ATOMS: atom_id res chain seq x y z
N LYS C 5 -15.79 3.47 -4.85
CA LYS C 5 -14.55 3.95 -4.24
C LYS C 5 -13.41 2.94 -4.43
N ILE C 6 -12.23 3.45 -4.74
CA ILE C 6 -11.11 2.58 -4.96
C ILE C 6 -10.77 1.84 -3.66
N ARG C 7 -10.32 0.60 -3.81
CA ARG C 7 -9.86 -0.17 -2.66
C ARG C 7 -8.40 0.13 -2.37
N LEU C 8 -8.03 -0.01 -1.09
CA LEU C 8 -6.67 0.33 -0.66
C LEU C 8 -5.62 -0.41 -1.48
N TYR C 9 -5.79 -1.72 -1.69
CA TYR C 9 -4.76 -2.44 -2.42
C TYR C 9 -4.61 -1.91 -3.83
N GLN C 10 -5.72 -1.46 -4.43
CA GLN C 10 -5.66 -0.92 -5.79
C GLN C 10 -5.00 0.45 -5.81
N PHE C 11 -5.28 1.27 -4.80
CA PHE C 11 -4.60 2.55 -4.66
C PHE C 11 -3.08 2.36 -4.63
N LEU C 12 -2.62 1.39 -3.85
CA LEU C 12 -1.19 1.16 -3.74
C LEU C 12 -0.61 0.61 -5.03
N LEU C 13 -1.30 -0.36 -5.64
CA LEU C 13 -0.82 -0.92 -6.89
C LEU C 13 -0.74 0.15 -7.97
N ASP C 14 -1.74 1.03 -8.03
CA ASP C 14 -1.74 2.12 -8.98
C ASP C 14 -0.57 3.08 -8.74
N LEU C 15 -0.29 3.41 -7.49
CA LEU C 15 0.86 4.28 -7.20
C LEU C 15 2.14 3.62 -7.70
N LEU C 16 2.31 2.33 -7.42
CA LEU C 16 3.52 1.64 -7.84
C LEU C 16 3.66 1.65 -9.36
N ARG C 17 2.55 1.47 -10.08
CA ARG C 17 2.61 1.46 -11.53
C ARG C 17 2.89 2.85 -12.09
N SER C 18 2.36 3.89 -11.45
CA SER C 18 2.50 5.24 -11.98
C SER C 18 3.83 5.86 -11.60
N GLY C 19 4.42 5.45 -10.48
CA GLY C 19 5.64 6.06 -9.99
C GLY C 19 5.46 7.42 -9.35
N ASP C 20 4.23 7.79 -8.97
CA ASP C 20 3.97 9.18 -8.59
C ASP C 20 4.54 9.52 -7.22
N MET C 21 4.67 8.53 -6.33
CA MET C 21 5.22 8.76 -4.99
C MET C 21 6.40 7.84 -4.75
N LYS C 22 7.39 7.88 -5.65
CA LYS C 22 8.47 6.91 -5.62
C LYS C 22 9.33 7.02 -4.37
N ASP C 23 9.29 8.15 -3.68
CA ASP C 23 10.05 8.31 -2.45
C ASP C 23 9.30 7.78 -1.24
N SER C 24 8.03 7.41 -1.40
CA SER C 24 7.25 6.84 -0.31
C SER C 24 7.00 5.35 -0.41
N ILE C 25 7.07 4.77 -1.61
CA ILE C 25 6.75 3.35 -1.82
C ILE C 25 7.50 2.90 -3.06
N TRP C 26 7.92 1.64 -3.07
CA TRP C 26 8.66 1.10 -4.21
C TRP C 26 8.55 -0.42 -4.24
N TRP C 27 8.72 -0.97 -5.43
CA TRP C 27 8.81 -2.41 -5.57
C TRP C 27 10.12 -2.90 -4.96
N VAL C 28 10.07 -4.07 -4.33
CA VAL C 28 11.26 -4.79 -3.93
C VAL C 28 11.55 -5.81 -5.02
N ASP C 29 10.58 -6.69 -5.30
CA ASP C 29 10.67 -7.61 -6.43
C ASP C 29 9.31 -7.59 -7.12
N LYS C 30 9.19 -6.81 -8.19
CA LYS C 30 7.87 -6.64 -8.80
C LYS C 30 7.32 -7.95 -9.35
N ASP C 31 8.19 -8.86 -9.79
CA ASP C 31 7.72 -10.14 -10.29
C ASP C 31 6.99 -10.93 -9.21
N LYS C 32 7.45 -10.81 -7.97
CA LYS C 32 6.82 -11.46 -6.84
C LYS C 32 5.73 -10.60 -6.22
N GLY C 33 5.59 -9.35 -6.67
CA GLY C 33 4.64 -8.44 -6.07
C GLY C 33 5.02 -7.90 -4.71
N THR C 34 6.29 -7.95 -4.32
CA THR C 34 6.69 -7.41 -3.02
C THR C 34 7.04 -5.94 -3.15
N PHE C 35 6.61 -5.16 -2.15
CA PHE C 35 6.82 -3.73 -2.16
C PHE C 35 7.07 -3.26 -0.74
N GLN C 36 7.66 -2.07 -0.62
CA GLN C 36 8.10 -1.56 0.68
C GLN C 36 7.81 -0.08 0.79
N PHE C 37 7.37 0.33 1.99
CA PHE C 37 7.16 1.73 2.28
C PHE C 37 8.43 2.37 2.84
N SER C 38 8.55 3.67 2.61
CA SER C 38 9.64 4.46 3.15
C SER C 38 9.42 4.72 4.62
N SER C 39 10.43 4.46 5.44
CA SER C 39 10.28 4.78 6.85
C SER C 39 9.97 6.26 7.06
N LYS C 40 10.71 7.13 6.38
CA LYS C 40 10.60 8.56 6.61
C LYS C 40 9.50 9.24 5.81
N HIS C 41 9.00 8.65 4.72
CA HIS C 41 8.07 9.34 3.82
C HIS C 41 6.76 8.61 3.62
N LYS C 42 6.47 7.59 4.41
CA LYS C 42 5.20 6.88 4.25
C LYS C 42 4.02 7.71 4.69
N GLU C 43 4.20 8.65 5.62
CA GLU C 43 3.04 9.39 6.10
C GLU C 43 2.41 10.22 4.98
N ALA C 44 3.23 10.77 4.08
CA ALA C 44 2.67 11.55 2.98
C ALA C 44 1.76 10.69 2.11
N LEU C 45 2.13 9.43 1.91
CA LEU C 45 1.30 8.53 1.12
C LEU C 45 0.02 8.20 1.87
N ALA C 46 0.12 7.95 3.18
CA ALA C 46 -1.08 7.72 3.98
C ALA C 46 -2.01 8.92 3.92
N HIS C 47 -1.47 10.14 4.03
CA HIS C 47 -2.32 11.32 3.92
C HIS C 47 -3.08 11.32 2.61
N ARG C 48 -2.41 10.98 1.51
CA ARG C 48 -3.06 10.97 0.21
CA ARG C 48 -3.06 10.97 0.21
C ARG C 48 -4.20 9.96 0.16
N TRP C 49 -4.01 8.80 0.79
CA TRP C 49 -5.05 7.77 0.80
C TRP C 49 -6.31 8.31 1.48
N GLY C 50 -6.15 8.95 2.64
CA GLY C 50 -7.32 9.45 3.35
C GLY C 50 -8.03 10.55 2.58
N ILE C 51 -7.26 11.43 1.94
CA ILE C 51 -7.88 12.49 1.17
C ILE C 51 -8.60 11.93 -0.05
N GLN C 52 -8.01 10.93 -0.71
CA GLN C 52 -8.68 10.30 -1.84
C GLN C 52 -10.00 9.66 -1.42
N LYS C 53 -10.04 9.08 -0.21
CA LYS C 53 -11.24 8.45 0.30
C LYS C 53 -12.25 9.45 0.86
N GLY C 54 -11.84 10.67 1.11
CA GLY C 54 -12.74 11.64 1.71
C GLY C 54 -13.04 11.38 3.17
N ASN C 55 -12.12 10.73 3.87
CA ASN C 55 -12.36 10.36 5.26
C ASN C 55 -12.43 11.60 6.15
N ARG C 56 -13.11 11.44 7.28
CA ARG C 56 -13.31 12.56 8.19
C ARG C 56 -12.00 13.01 8.83
N LYS C 57 -11.18 12.06 9.29
CA LYS C 57 -9.94 12.37 9.96
C LYS C 57 -8.77 12.29 9.00
N LYS C 58 -7.66 12.90 9.40
CA LYS C 58 -6.40 12.70 8.70
C LYS C 58 -6.00 11.23 8.79
N MET C 59 -5.63 10.65 7.66
CA MET C 59 -5.15 9.27 7.64
C MET C 59 -3.70 9.23 8.10
N THR C 60 -3.35 8.19 8.85
CA THR C 60 -1.97 7.97 9.27
C THR C 60 -1.52 6.62 8.72
N TYR C 61 -0.19 6.44 8.68
CA TYR C 61 0.34 5.15 8.24
C TYR C 61 -0.17 4.03 9.13
N GLN C 62 -0.24 4.27 10.42
CA GLN C 62 -0.71 3.26 11.36
C GLN C 62 -2.12 2.78 11.00
N LYS C 63 -3.04 3.71 10.74
CA LYS C 63 -4.41 3.31 10.39
C LYS C 63 -4.44 2.63 9.03
N MET C 64 -3.62 3.09 8.09
CA MET C 64 -3.60 2.45 6.78
C MET C 64 -3.11 1.02 6.89
N ALA C 65 -2.06 0.80 7.69
CA ALA C 65 -1.56 -0.55 7.87
C ALA C 65 -2.53 -1.43 8.65
N ARG C 66 -3.33 -0.82 9.53
CA ARG C 66 -4.40 -1.58 10.18
C ARG C 66 -5.35 -2.16 9.16
N ALA C 67 -5.71 -1.36 8.16
CA ALA C 67 -6.53 -1.87 7.06
C ALA C 67 -5.77 -2.92 6.24
N LEU C 68 -4.48 -2.68 5.98
CA LEU C 68 -3.71 -3.65 5.20
C LEU C 68 -3.73 -5.02 5.83
N ARG C 69 -3.60 -5.09 7.16
CA ARG C 69 -3.57 -6.39 7.84
C ARG C 69 -4.85 -7.18 7.62
N ASN C 70 -5.98 -6.51 7.38
CA ASN C 70 -7.23 -7.21 7.16
C ASN C 70 -7.25 -7.98 5.84
N TYR C 71 -6.34 -7.68 4.93
CA TYR C 71 -6.26 -8.43 3.69
C TYR C 71 -5.52 -9.76 3.88
N GLY C 72 -4.85 -9.96 5.00
CA GLY C 72 -4.06 -11.18 5.17
C GLY C 72 -4.89 -12.43 5.01
N LYS C 73 -6.12 -12.43 5.52
CA LYS C 73 -6.92 -13.64 5.52
C LYS C 73 -7.46 -13.97 4.13
N THR C 74 -7.84 -12.93 3.37
CA THR C 74 -8.37 -13.11 2.03
C THR C 74 -7.28 -13.14 0.96
N GLY C 75 -6.11 -12.56 1.24
CA GLY C 75 -4.91 -12.80 0.47
C GLY C 75 -4.48 -11.69 -0.47
N GLU C 76 -5.25 -10.62 -0.62
CA GLU C 76 -4.88 -9.59 -1.59
C GLU C 76 -3.50 -9.02 -1.30
N VAL C 77 -3.20 -8.81 -0.03
CA VAL C 77 -1.92 -8.28 0.43
C VAL C 77 -1.55 -9.05 1.68
N LYS C 78 -0.29 -9.46 1.76
CA LYS C 78 0.23 -10.14 2.94
C LYS C 78 1.49 -9.44 3.40
N LYS C 79 1.65 -9.36 4.72
CA LYS C 79 2.89 -8.85 5.29
C LYS C 79 4.03 -9.83 5.03
N VAL C 80 5.19 -9.28 4.65
CA VAL C 80 6.42 -10.03 4.48
C VAL C 80 7.29 -9.75 5.69
N LYS C 81 8.13 -10.72 6.07
CA LYS C 81 8.96 -10.60 7.26
C LYS C 81 10.21 -9.77 6.99
N LYS C 82 10.00 -8.57 6.47
CA LYS C 82 11.02 -7.59 6.17
C LYS C 82 10.41 -6.23 6.48
N LYS C 83 11.26 -5.29 6.88
CA LYS C 83 10.77 -4.02 7.39
C LYS C 83 9.88 -3.32 6.37
N LEU C 84 8.68 -2.96 6.81
CA LEU C 84 7.74 -2.14 6.03
C LEU C 84 7.41 -2.77 4.68
N THR C 85 7.52 -4.09 4.57
CA THR C 85 7.37 -4.80 3.30
C THR C 85 6.13 -5.68 3.30
N TYR C 86 5.43 -5.67 2.16
CA TYR C 86 4.19 -6.40 1.92
C TYR C 86 4.26 -7.03 0.54
N GLN C 87 3.27 -7.87 0.22
CA GLN C 87 3.25 -8.62 -1.03
C GLN C 87 1.82 -8.72 -1.56
N PHE C 88 1.61 -8.29 -2.79
CA PHE C 88 0.33 -8.53 -3.47
C PHE C 88 0.20 -9.98 -3.91
N SER C 89 -1.04 -10.46 -3.96
CA SER C 89 -1.29 -11.79 -4.49
C SER C 89 -1.13 -11.80 -6.01
N GLY C 90 -0.89 -13.01 -6.55
CA GLY C 90 -0.88 -13.17 -8.00
C GLY C 90 -2.17 -12.73 -8.65
N GLU C 91 -3.30 -12.95 -7.98
CA GLU C 91 -4.59 -12.55 -8.52
C GLU C 91 -4.68 -11.03 -8.63
N VAL C 92 -4.26 -10.31 -7.60
CA VAL C 92 -4.26 -8.85 -7.65
C VAL C 92 -3.33 -8.35 -8.75
N LEU C 93 -2.15 -8.96 -8.89
CA LEU C 93 -1.19 -8.53 -9.91
C LEU C 93 -1.69 -8.80 -11.31
N GLY C 94 -2.38 -9.93 -11.51
CA GLY C 94 -2.89 -10.26 -12.81
C GLY C 94 -3.95 -9.30 -13.30
N ARG C 95 -4.63 -8.63 -12.38
CA ARG C 95 -5.70 -7.69 -12.70
C ARG C 95 -5.20 -6.25 -12.57
#